data_5NG0
#
_entry.id   5NG0
#
_cell.length_a   94.180
_cell.length_b   94.180
_cell.length_c   201.250
_cell.angle_alpha   90.00
_cell.angle_beta   90.00
_cell.angle_gamma   90.00
#
_symmetry.space_group_name_H-M   'P 41 21 2'
#
loop_
_entity.id
_entity.type
_entity.pdbx_description
1 polymer 'Receptor-interacting serine/threonine-protein kinase 2'
2 non-polymer 'PHOSPHOMETHYLPHOSPHONIC ACID ADENYLATE ESTER'
3 non-polymer 'MAGNESIUM ION'
4 non-polymer 'COBALT (II) ION'
5 water water
#
_entity_poly.entity_id   1
_entity_poly.type   'polypeptide(L)'
_entity_poly.pdbx_seq_one_letter_code
;GAMAMNGEAICSALPTIPYHKLADLRYLSRGASGTVSSARHADWRVQVAVKHLHIHTPLLDSERKDVLREAEILHKARFS
YILPILGICNEPEFLGIVTEYMPNGSLNELLHRKTEYPDVAWPLRFRILHEIALGVNYLHNMTPPLLHHDLKTQNILLDN
EFHVKIADFGLSKWRMMSLSQSRSSKSAPEGGTIIYMPPENYEPGQKSRASIKHDIYSYAVITWEVLSRKQPFEDVTNPL
QIMYSVSQGHRPVINEESLPYDIPHRARMISLIESGWAQNPDERPSFLKCLIELEPVFRTFEEI
;
_entity_poly.pdbx_strand_id   A,B
#
# COMPACT_ATOMS: atom_id res chain seq x y z
N ILE A 10 -14.92 11.32 9.70
CA ILE A 10 -14.44 9.90 9.65
C ILE A 10 -12.96 9.84 10.03
N CYS A 11 -12.68 9.21 11.18
CA CYS A 11 -11.35 9.18 11.80
C CYS A 11 -10.75 7.77 11.90
N SER A 12 -9.44 7.69 11.67
CA SER A 12 -8.62 6.46 11.80
C SER A 12 -7.57 6.74 12.88
N ALA A 13 -7.53 5.89 13.90
CA ALA A 13 -6.55 6.01 14.99
C ALA A 13 -5.25 5.29 14.59
N LEU A 14 -4.11 5.89 14.91
CA LEU A 14 -2.84 5.20 14.73
C LEU A 14 -2.66 4.14 15.83
N PRO A 15 -2.46 2.85 15.46
CA PRO A 15 -2.29 1.82 16.48
C PRO A 15 -1.08 2.06 17.40
N THR A 16 -1.27 1.77 18.68
CA THR A 16 -0.18 1.65 19.64
C THR A 16 0.26 0.19 19.67
N ILE A 17 1.53 -0.06 19.39
CA ILE A 17 2.05 -1.40 19.37
C ILE A 17 2.82 -1.64 20.68
N PRO A 18 2.31 -2.55 21.54
CA PRO A 18 3.04 -2.86 22.78
C PRO A 18 4.43 -3.43 22.47
N TYR A 19 5.42 -3.04 23.27
CA TYR A 19 6.82 -3.46 23.07
C TYR A 19 7.02 -4.98 22.94
N HIS A 20 6.27 -5.77 23.72
CA HIS A 20 6.44 -7.24 23.70
C HIS A 20 6.00 -7.88 22.38
N LYS A 21 5.31 -7.12 21.52
CA LYS A 21 4.89 -7.63 20.21
C LYS A 21 5.96 -7.47 19.11
N LEU A 22 7.05 -6.75 19.42
CA LEU A 22 8.17 -6.61 18.49
C LEU A 22 9.23 -7.66 18.76
N ALA A 23 9.40 -8.57 17.82
CA ALA A 23 10.32 -9.70 17.96
C ALA A 23 11.49 -9.50 17.02
N ASP A 24 12.63 -10.11 17.37
CA ASP A 24 13.81 -10.16 16.49
CA ASP A 24 13.82 -10.15 16.51
C ASP A 24 14.34 -8.76 16.11
N LEU A 25 14.39 -7.83 17.07
CA LEU A 25 14.90 -6.48 16.81
C LEU A 25 16.37 -6.53 16.40
N ARG A 26 16.68 -6.01 15.22
CA ARG A 26 18.05 -5.98 14.71
C ARG A 26 18.37 -4.61 14.16
N TYR A 27 19.54 -4.09 14.56
CA TYR A 27 20.13 -2.86 14.05
C TYR A 27 20.19 -2.89 12.52
N LEU A 28 19.65 -1.85 11.88
CA LEU A 28 19.81 -1.66 10.42
C LEU A 28 20.71 -0.46 10.10
N SER A 29 20.51 0.63 10.85
CA SER A 29 21.11 1.93 10.58
C SER A 29 21.04 2.78 11.85
N ARG A 30 22.17 3.38 12.23
CA ARG A 30 22.15 4.39 13.30
C ARG A 30 22.51 5.76 12.73
N GLY A 31 21.71 6.75 13.11
CA GLY A 31 21.98 8.14 12.77
C GLY A 31 22.24 8.96 14.02
N ALA A 32 22.26 10.28 13.83
CA ALA A 32 22.55 11.22 14.92
C ALA A 32 21.41 11.31 15.94
N SER A 33 20.17 11.35 15.43
CA SER A 33 18.97 11.55 16.24
C SER A 33 18.28 10.25 16.67
N GLY A 34 18.49 9.17 15.92
CA GLY A 34 17.91 7.87 16.24
C GLY A 34 18.51 6.69 15.49
N THR A 35 17.82 5.55 15.59
CA THR A 35 18.25 4.28 15.02
C THR A 35 17.08 3.64 14.28
N VAL A 36 17.35 3.04 13.13
CA VAL A 36 16.37 2.22 12.44
C VAL A 36 16.74 0.76 12.64
N SER A 37 15.77 -0.03 13.11
CA SER A 37 15.93 -1.47 13.32
C SER A 37 14.86 -2.23 12.53
N SER A 38 15.19 -3.44 12.10
CA SER A 38 14.16 -4.34 11.57
C SER A 38 13.59 -5.14 12.73
N ALA A 39 12.37 -5.62 12.57
CA ALA A 39 11.70 -6.47 13.56
C ALA A 39 10.61 -7.27 12.86
N ARG A 40 9.99 -8.18 13.62
CA ARG A 40 8.77 -8.85 13.19
C ARG A 40 7.71 -8.53 14.21
N HIS A 41 6.49 -8.28 13.72
CA HIS A 41 5.37 -8.12 14.61
C HIS A 41 4.87 -9.52 14.93
N ALA A 42 4.86 -9.86 16.22
CA ALA A 42 4.60 -11.22 16.67
C ALA A 42 3.19 -11.69 16.34
N ASP A 43 2.23 -10.75 16.31
CA ASP A 43 0.82 -11.06 16.05
C ASP A 43 0.44 -10.95 14.58
N TRP A 44 0.98 -9.93 13.89
CA TRP A 44 0.60 -9.68 12.50
C TRP A 44 1.43 -10.52 11.53
N ARG A 45 2.55 -11.04 12.01
CA ARG A 45 3.37 -12.03 11.25
C ARG A 45 3.98 -11.40 10.00
N VAL A 46 4.33 -10.11 10.10
CA VAL A 46 4.99 -9.39 9.03
C VAL A 46 6.30 -8.79 9.54
N GLN A 47 7.24 -8.59 8.62
CA GLN A 47 8.45 -7.82 8.89
C GLN A 47 8.10 -6.33 8.97
N VAL A 48 8.71 -5.62 9.92
CA VAL A 48 8.52 -4.17 10.04
C VAL A 48 9.87 -3.47 10.18
N ALA A 49 9.87 -2.15 9.95
CA ALA A 49 10.99 -1.31 10.31
C ALA A 49 10.57 -0.49 11.52
N VAL A 50 11.52 -0.26 12.43
CA VAL A 50 11.26 0.51 13.66
C VAL A 50 12.30 1.65 13.72
N LYS A 51 11.80 2.88 13.71
CA LYS A 51 12.65 4.08 13.80
C LYS A 51 12.51 4.62 15.23
N HIS A 52 13.54 4.39 16.03
CA HIS A 52 13.46 4.62 17.48
C HIS A 52 14.58 5.50 18.00
N LEU A 53 14.36 6.12 19.16
CA LEU A 53 15.42 6.89 19.85
C LEU A 53 16.51 5.94 20.38
N HIS A 54 17.71 6.48 20.59
CA HIS A 54 18.84 5.70 21.12
C HIS A 54 18.51 4.93 22.41
N ILE A 55 18.80 3.62 22.38
CA ILE A 55 18.56 2.69 23.51
C ILE A 55 19.47 2.98 24.71
N HIS A 56 20.64 3.56 24.44
CA HIS A 56 21.64 3.91 25.47
C HIS A 56 21.16 5.01 26.45
N THR A 57 20.85 6.20 25.92
CA THR A 57 20.46 7.36 26.74
C THR A 57 19.02 7.24 27.26
N PRO A 58 18.74 7.74 28.49
CA PRO A 58 17.36 8.02 28.92
C PRO A 58 16.59 8.97 27.99
N LEU A 59 15.27 8.87 27.98
CA LEU A 59 14.42 9.54 26.98
C LEU A 59 14.03 10.97 27.34
N LEU A 60 14.62 11.93 26.62
CA LEU A 60 14.32 13.35 26.78
C LEU A 60 12.92 13.67 26.23
N ASP A 61 12.16 14.45 27.00
CA ASP A 61 10.74 14.73 26.72
C ASP A 61 10.50 15.55 25.43
N SER A 62 11.48 16.38 25.06
CA SER A 62 11.45 17.12 23.80
C SER A 62 11.70 16.19 22.60
N GLU A 63 12.54 15.17 22.80
CA GLU A 63 12.79 14.14 21.79
C GLU A 63 11.55 13.30 21.56
N ARG A 64 10.83 13.00 22.65
CA ARG A 64 9.56 12.27 22.58
C ARG A 64 8.52 12.98 21.72
N LYS A 65 8.39 14.29 21.92
CA LYS A 65 7.44 15.12 21.16
C LYS A 65 7.75 15.15 19.65
N ASP A 66 9.05 15.20 19.31
CA ASP A 66 9.50 15.14 17.92
C ASP A 66 9.07 13.85 17.23
N VAL A 67 9.20 12.72 17.93
CA VAL A 67 8.84 11.41 17.38
C VAL A 67 7.32 11.34 17.19
N LEU A 68 6.57 11.76 18.21
CA LEU A 68 5.10 11.79 18.12
C LEU A 68 4.58 12.67 16.98
N ARG A 69 5.23 13.81 16.79
CA ARG A 69 4.90 14.72 15.70
C ARG A 69 5.14 14.07 14.33
N GLU A 70 6.29 13.42 14.17
CA GLU A 70 6.63 12.74 12.94
C GLU A 70 5.64 11.60 12.66
N ALA A 71 5.28 10.85 13.70
CA ALA A 71 4.34 9.72 13.58
C ALA A 71 2.98 10.22 13.11
N GLU A 72 2.54 11.36 13.66
CA GLU A 72 1.26 11.96 13.31
C GLU A 72 1.22 12.41 11.86
N ILE A 73 2.32 13.06 11.44
CA ILE A 73 2.46 13.47 10.06
C ILE A 73 2.39 12.28 9.10
N LEU A 74 3.17 11.22 9.36
CA LEU A 74 3.12 10.03 8.51
C LEU A 74 1.73 9.42 8.41
N HIS A 75 1.06 9.38 9.56
CA HIS A 75 -0.29 8.84 9.66
C HIS A 75 -1.29 9.63 8.81
N LYS A 76 -1.20 10.97 8.87
CA LYS A 76 -2.10 11.86 8.13
C LYS A 76 -1.79 11.90 6.64
N ALA A 77 -0.52 11.70 6.28
CA ALA A 77 -0.03 11.84 4.90
C ALA A 77 -0.13 10.57 4.07
N ARG A 78 -0.77 9.54 4.60
CA ARG A 78 -0.78 8.26 3.90
C ARG A 78 -1.36 8.35 2.48
N PHE A 79 -0.67 7.67 1.57
CA PHE A 79 -0.94 7.73 0.13
C PHE A 79 -0.07 6.68 -0.54
N SER A 80 -0.38 6.38 -1.80
CA SER A 80 0.27 5.31 -2.56
C SER A 80 1.81 5.39 -2.59
N TYR A 81 2.36 6.62 -2.57
CA TYR A 81 3.81 6.83 -2.71
C TYR A 81 4.51 7.37 -1.45
N ILE A 82 3.81 7.22 -0.31
CA ILE A 82 4.33 7.64 0.99
C ILE A 82 4.51 6.36 1.84
N LEU A 83 5.63 6.26 2.55
CA LEU A 83 5.89 5.13 3.44
C LEU A 83 4.73 4.91 4.42
N PRO A 84 4.11 3.71 4.41
CA PRO A 84 3.01 3.50 5.37
C PRO A 84 3.50 3.32 6.80
N ILE A 85 2.90 4.06 7.72
CA ILE A 85 3.11 3.87 9.15
C ILE A 85 2.10 2.82 9.65
N LEU A 86 2.59 1.86 10.43
CA LEU A 86 1.77 0.77 10.96
C LEU A 86 1.36 1.02 12.39
N GLY A 87 2.19 1.74 13.14
CA GLY A 87 1.87 2.09 14.51
C GLY A 87 3.01 2.80 15.21
N ILE A 88 2.79 3.09 16.50
CA ILE A 88 3.79 3.70 17.35
C ILE A 88 4.01 2.78 18.56
N CYS A 89 5.27 2.53 18.90
CA CYS A 89 5.63 1.84 20.14
C CYS A 89 6.10 2.92 21.12
N ASN A 90 5.28 3.14 22.15
CA ASN A 90 5.44 4.24 23.07
C ASN A 90 5.51 3.70 24.51
N GLU A 91 6.74 3.53 25.00
CA GLU A 91 7.03 2.90 26.31
C GLU A 91 7.87 3.85 27.17
N PRO A 92 7.91 3.62 28.52
CA PRO A 92 8.80 4.40 29.40
C PRO A 92 10.23 4.58 28.89
N GLU A 93 10.84 3.51 28.39
CA GLU A 93 12.23 3.56 27.95
C GLU A 93 12.44 3.19 26.46
N PHE A 94 11.38 3.20 25.67
CA PHE A 94 11.46 2.89 24.23
C PHE A 94 10.40 3.69 23.47
N LEU A 95 10.82 4.36 22.41
CA LEU A 95 9.89 5.11 21.58
C LEU A 95 10.26 4.94 20.13
N GLY A 96 9.35 4.34 19.36
CA GLY A 96 9.67 3.96 17.98
C GLY A 96 8.47 4.06 17.05
N ILE A 97 8.72 4.56 15.85
CA ILE A 97 7.74 4.61 14.78
C ILE A 97 7.88 3.29 14.03
N VAL A 98 6.79 2.54 13.94
CA VAL A 98 6.77 1.26 13.23
C VAL A 98 6.18 1.45 11.82
N THR A 99 6.98 1.15 10.79
CA THR A 99 6.53 1.29 9.40
C THR A 99 6.64 -0.05 8.65
N GLU A 100 6.05 -0.11 7.46
CA GLU A 100 6.28 -1.22 6.54
C GLU A 100 7.76 -1.34 6.23
N TYR A 101 8.25 -2.57 6.17
CA TYR A 101 9.64 -2.82 5.83
C TYR A 101 9.83 -2.73 4.32
N MET A 102 10.78 -1.92 3.87
CA MET A 102 11.06 -1.75 2.44
C MET A 102 12.25 -2.62 2.08
N PRO A 103 12.02 -3.70 1.29
CA PRO A 103 13.08 -4.71 1.01
C PRO A 103 14.22 -4.22 0.12
N ASN A 104 13.98 -3.20 -0.70
CA ASN A 104 14.95 -2.80 -1.71
C ASN A 104 15.71 -1.51 -1.43
N GLY A 105 15.81 -1.17 -0.16
CA GLY A 105 16.63 -0.07 0.31
C GLY A 105 16.16 1.30 -0.20
N SER A 106 17.11 2.18 -0.47
CA SER A 106 16.83 3.54 -0.90
C SER A 106 17.26 3.76 -2.34
N LEU A 107 16.73 4.82 -2.94
CA LEU A 107 17.10 5.24 -4.27
C LEU A 107 18.62 5.54 -4.35
N ASN A 108 19.17 6.07 -3.27
CA ASN A 108 20.60 6.32 -3.17
C ASN A 108 21.44 5.06 -3.46
N GLU A 109 21.08 3.96 -2.81
CA GLU A 109 21.75 2.67 -3.02
C GLU A 109 21.59 2.16 -4.45
N LEU A 110 20.39 2.28 -5.01
CA LEU A 110 20.14 1.87 -6.40
C LEU A 110 21.02 2.62 -7.39
N LEU A 111 21.17 3.94 -7.19
CA LEU A 111 21.89 4.77 -8.14
C LEU A 111 23.41 4.63 -8.04
N HIS A 112 23.93 4.52 -6.81
CA HIS A 112 25.37 4.65 -6.57
C HIS A 112 26.12 3.34 -6.24
N ARG A 113 25.40 2.25 -6.02
CA ARG A 113 26.05 0.93 -5.82
C ARG A 113 26.13 0.22 -7.18
N LYS A 114 27.15 0.60 -7.94
CA LYS A 114 27.23 0.23 -9.35
C LYS A 114 27.66 -1.24 -9.62
N THR A 115 28.31 -1.87 -8.64
CA THR A 115 28.59 -3.31 -8.71
C THR A 115 27.31 -4.11 -8.43
N GLU A 116 26.60 -3.74 -7.37
CA GLU A 116 25.30 -4.36 -7.06
C GLU A 116 24.28 -4.16 -8.18
N TYR A 117 24.22 -2.96 -8.74
CA TYR A 117 23.29 -2.64 -9.84
C TYR A 117 24.00 -2.06 -11.06
N PRO A 118 24.58 -2.92 -11.93
CA PRO A 118 25.32 -2.40 -13.10
C PRO A 118 24.42 -1.64 -14.08
N ASP A 119 23.20 -2.12 -14.28
CA ASP A 119 22.23 -1.48 -15.17
CA ASP A 119 22.23 -1.47 -15.17
C ASP A 119 20.98 -1.08 -14.40
N VAL A 120 20.58 0.18 -14.54
CA VAL A 120 19.28 0.66 -14.05
C VAL A 120 18.58 1.22 -15.28
N ALA A 121 17.63 0.45 -15.81
CA ALA A 121 17.00 0.75 -17.09
C ALA A 121 16.18 2.05 -17.04
N TRP A 122 16.12 2.73 -18.17
CA TRP A 122 15.40 4.01 -18.27
C TRP A 122 13.93 3.96 -17.82
N PRO A 123 13.13 2.93 -18.23
CA PRO A 123 11.74 2.97 -17.78
C PRO A 123 11.60 2.97 -16.26
N LEU A 124 12.44 2.21 -15.55
CA LEU A 124 12.46 2.23 -14.09
C LEU A 124 12.81 3.61 -13.53
N ARG A 125 13.86 4.24 -14.06
CA ARG A 125 14.26 5.57 -13.60
C ARG A 125 13.13 6.59 -13.75
N PHE A 126 12.48 6.59 -14.91
CA PHE A 126 11.40 7.53 -15.19
C PHE A 126 10.15 7.24 -14.35
N ARG A 127 9.88 5.96 -14.09
CA ARG A 127 8.77 5.60 -13.22
C ARG A 127 9.03 6.10 -11.79
N ILE A 128 10.26 5.91 -11.32
CA ILE A 128 10.68 6.42 -10.01
C ILE A 128 10.48 7.95 -9.91
N LEU A 129 10.95 8.68 -10.93
CA LEU A 129 10.79 10.14 -10.96
C LEU A 129 9.32 10.57 -10.98
N HIS A 130 8.50 9.84 -11.74
CA HIS A 130 7.06 10.11 -11.79
C HIS A 130 6.42 9.89 -10.41
N GLU A 131 6.75 8.78 -9.77
CA GLU A 131 6.17 8.43 -8.46
C GLU A 131 6.59 9.38 -7.36
N ILE A 132 7.85 9.84 -7.38
CA ILE A 132 8.28 10.86 -6.42
C ILE A 132 7.42 12.13 -6.56
N ALA A 133 7.25 12.59 -7.79
CA ALA A 133 6.45 13.79 -8.04
C ALA A 133 4.98 13.58 -7.59
N LEU A 134 4.44 12.39 -7.82
CA LEU A 134 3.06 12.09 -7.38
C LEU A 134 2.94 12.11 -5.86
N GLY A 135 3.93 11.53 -5.19
CA GLY A 135 3.98 11.54 -3.73
C GLY A 135 4.06 12.95 -3.17
N VAL A 136 4.98 13.75 -3.68
CA VAL A 136 5.14 15.12 -3.16
C VAL A 136 3.93 15.98 -3.52
N ASN A 137 3.44 15.87 -4.76
CA ASN A 137 2.23 16.59 -5.16
C ASN A 137 1.07 16.30 -4.18
N TYR A 138 0.92 15.03 -3.80
CA TYR A 138 -0.12 14.68 -2.84
C TYR A 138 0.06 15.47 -1.51
N LEU A 139 1.29 15.48 -0.99
CA LEU A 139 1.59 16.22 0.25
C LEU A 139 1.24 17.70 0.14
N HIS A 140 1.61 18.30 -0.99
CA HIS A 140 1.37 19.74 -1.23
C HIS A 140 -0.13 20.05 -1.43
N ASN A 141 -0.94 19.04 -1.76
CA ASN A 141 -2.38 19.21 -1.94
C ASN A 141 -3.23 18.94 -0.69
N MET A 142 -2.58 18.57 0.41
CA MET A 142 -3.27 18.40 1.69
C MET A 142 -3.71 19.78 2.21
N THR A 143 -4.63 19.78 3.18
CA THR A 143 -5.16 21.05 3.72
C THR A 143 -4.97 21.01 5.24
N PRO A 144 -3.96 21.68 5.81
CA PRO A 144 -3.00 22.51 5.09
C PRO A 144 -1.94 21.66 4.35
N PRO A 145 -1.23 22.27 3.37
CA PRO A 145 -0.17 21.54 2.64
C PRO A 145 0.93 21.06 3.59
N LEU A 146 1.46 19.87 3.31
CA LEU A 146 2.61 19.35 4.02
C LEU A 146 3.84 19.51 3.14
N LEU A 147 4.86 20.20 3.66
CA LEU A 147 6.11 20.42 2.94
C LEU A 147 7.12 19.44 3.52
N HIS A 148 7.78 18.65 2.67
CA HIS A 148 8.65 17.56 3.16
C HIS A 148 9.95 18.11 3.76
N HIS A 149 10.63 18.95 2.98
CA HIS A 149 11.84 19.66 3.39
C HIS A 149 13.07 18.81 3.70
N ASP A 150 13.03 17.53 3.35
CA ASP A 150 14.25 16.70 3.38
C ASP A 150 14.30 15.68 2.27
N LEU A 151 13.82 16.08 1.09
CA LEU A 151 13.85 15.16 -0.03
C LEU A 151 15.28 14.99 -0.49
N LYS A 152 15.66 13.72 -0.61
CA LYS A 152 16.97 13.32 -1.12
C LYS A 152 16.88 11.84 -1.47
N THR A 153 17.86 11.34 -2.21
CA THR A 153 17.80 9.96 -2.67
C THR A 153 17.82 8.93 -1.53
N GLN A 154 18.45 9.30 -0.40
CA GLN A 154 18.49 8.43 0.78
CA GLN A 154 18.49 8.44 0.78
C GLN A 154 17.09 8.31 1.43
N ASN A 155 16.21 9.28 1.17
CA ASN A 155 14.88 9.29 1.77
C ASN A 155 13.78 8.80 0.82
N ILE A 156 14.18 8.32 -0.35
CA ILE A 156 13.26 7.71 -1.28
C ILE A 156 13.49 6.20 -1.17
N LEU A 157 12.55 5.50 -0.53
CA LEU A 157 12.68 4.05 -0.34
C LEU A 157 12.01 3.28 -1.46
N LEU A 158 12.43 2.03 -1.64
CA LEU A 158 11.97 1.20 -2.74
C LEU A 158 11.40 -0.11 -2.18
N ASP A 159 10.16 -0.39 -2.52
CA ASP A 159 9.44 -1.57 -2.02
C ASP A 159 9.86 -2.83 -2.79
N ASN A 160 9.13 -3.94 -2.63
CA ASN A 160 9.61 -5.21 -3.23
C ASN A 160 9.68 -5.22 -4.76
N GLU A 161 8.85 -4.42 -5.42
CA GLU A 161 8.96 -4.25 -6.88
C GLU A 161 9.45 -2.87 -7.33
N PHE A 162 10.25 -2.22 -6.49
CA PHE A 162 10.96 -0.97 -6.82
C PHE A 162 10.00 0.20 -7.11
N HIS A 163 8.85 0.21 -6.41
CA HIS A 163 8.00 1.37 -6.38
C HIS A 163 8.42 2.27 -5.22
N VAL A 164 8.20 3.58 -5.40
CA VAL A 164 8.64 4.63 -4.47
C VAL A 164 7.78 4.68 -3.19
N LYS A 165 8.43 4.75 -2.03
CA LYS A 165 7.80 5.22 -0.81
C LYS A 165 8.67 6.34 -0.25
N ILE A 166 8.11 7.56 -0.24
CA ILE A 166 8.82 8.70 0.36
C ILE A 166 8.83 8.52 1.88
N ALA A 167 10.01 8.64 2.47
CA ALA A 167 10.19 8.45 3.89
C ALA A 167 10.81 9.70 4.56
N ASP A 168 11.03 9.60 5.88
CA ASP A 168 11.74 10.57 6.69
C ASP A 168 11.10 11.96 6.73
N PHE A 169 10.05 12.05 7.54
CA PHE A 169 9.29 13.29 7.74
C PHE A 169 9.77 14.12 8.93
N GLY A 170 11.01 13.87 9.33
CA GLY A 170 11.64 14.52 10.50
C GLY A 170 11.78 16.03 10.39
N LEU A 171 11.90 16.55 9.17
CA LEU A 171 12.00 18.00 8.98
C LEU A 171 10.77 18.65 8.35
N SER A 172 9.71 17.86 8.20
N SER A 172 9.71 17.86 8.20
CA SER A 172 8.49 18.30 7.51
CA SER A 172 8.49 18.30 7.51
C SER A 172 7.73 19.35 8.29
C SER A 172 7.73 19.35 8.29
N LYS A 173 7.02 20.22 7.57
CA LYS A 173 6.24 21.30 8.17
C LYS A 173 4.90 21.42 7.49
N TRP A 174 3.85 21.66 8.29
CA TRP A 174 2.56 22.12 7.76
C TRP A 174 2.72 23.58 7.33
N ARG A 175 2.24 23.91 6.14
CA ARG A 175 2.27 25.29 5.65
C ARG A 175 1.05 26.05 6.21
N MET A 176 1.25 26.84 7.26
CA MET A 176 0.13 27.51 7.96
C MET A 176 -0.38 28.77 7.26
N GLY A 192 23.85 17.68 8.44
CA GLY A 192 23.10 17.19 7.29
C GLY A 192 23.54 17.90 6.03
N THR A 193 23.29 17.25 4.89
CA THR A 193 23.70 17.73 3.58
C THR A 193 22.87 18.93 3.11
N ILE A 194 23.53 19.86 2.42
CA ILE A 194 22.89 21.06 1.89
C ILE A 194 22.67 20.95 0.37
N ILE A 195 23.06 19.82 -0.22
CA ILE A 195 23.03 19.70 -1.68
C ILE A 195 21.63 19.75 -2.28
N TYR A 196 20.61 19.40 -1.50
CA TYR A 196 19.22 19.38 -1.99
C TYR A 196 18.42 20.62 -1.56
N MET A 197 19.11 21.56 -0.94
CA MET A 197 18.53 22.76 -0.35
C MET A 197 18.67 23.96 -1.28
N PRO A 198 17.57 24.71 -1.55
CA PRO A 198 17.73 25.89 -2.41
C PRO A 198 18.51 27.00 -1.68
N PRO A 199 19.21 27.86 -2.46
CA PRO A 199 20.09 28.87 -1.87
C PRO A 199 19.43 29.88 -0.93
N GLU A 200 18.15 30.21 -1.14
CA GLU A 200 17.44 31.13 -0.26
C GLU A 200 17.30 30.63 1.19
N ASN A 201 17.56 29.33 1.44
CA ASN A 201 17.49 28.80 2.80
C ASN A 201 18.72 29.11 3.64
N TYR A 202 19.81 29.50 2.98
CA TYR A 202 21.03 29.83 3.69
C TYR A 202 21.69 31.16 3.33
N GLU A 203 20.95 32.03 2.61
CA GLU A 203 21.38 33.41 2.31
C GLU A 203 21.73 34.11 3.64
N PRO A 204 22.92 34.76 3.71
CA PRO A 204 23.39 35.37 4.97
C PRO A 204 22.48 36.48 5.50
N SER A 211 9.59 28.66 3.12
CA SER A 211 10.25 28.24 1.90
C SER A 211 9.33 27.24 1.18
N ILE A 212 8.36 27.79 0.47
CA ILE A 212 7.35 27.01 -0.27
C ILE A 212 7.94 26.26 -1.50
N LYS A 213 9.04 26.76 -2.07
CA LYS A 213 9.64 26.15 -3.27
C LYS A 213 10.89 25.30 -2.96
N HIS A 214 10.97 24.79 -1.74
CA HIS A 214 12.11 23.99 -1.32
C HIS A 214 12.04 22.60 -1.98
N ASP A 215 10.90 21.91 -1.84
CA ASP A 215 10.77 20.52 -2.33
C ASP A 215 11.05 20.37 -3.83
N ILE A 216 10.59 21.33 -4.64
CA ILE A 216 10.80 21.23 -6.08
C ILE A 216 12.30 21.39 -6.46
N TYR A 217 13.01 22.23 -5.73
CA TYR A 217 14.46 22.37 -5.89
C TYR A 217 15.14 21.01 -5.60
N SER A 218 14.79 20.39 -4.47
CA SER A 218 15.31 19.07 -4.13
C SER A 218 15.01 18.06 -5.25
N TYR A 219 13.79 18.12 -5.79
CA TYR A 219 13.35 17.22 -6.85
C TYR A 219 14.18 17.39 -8.13
N ALA A 220 14.53 18.63 -8.46
CA ALA A 220 15.37 18.91 -9.64
C ALA A 220 16.77 18.26 -9.46
N VAL A 221 17.33 18.36 -8.26
CA VAL A 221 18.65 17.76 -7.95
C VAL A 221 18.51 16.22 -8.02
N ILE A 222 17.42 15.70 -7.43
CA ILE A 222 17.12 14.26 -7.51
C ILE A 222 17.03 13.78 -8.96
N THR A 223 16.35 14.55 -9.81
CA THR A 223 16.20 14.21 -11.21
C THR A 223 17.57 14.15 -11.91
N TRP A 224 18.38 15.17 -11.68
CA TRP A 224 19.76 15.19 -12.21
C TRP A 224 20.53 13.94 -11.74
N GLU A 225 20.41 13.62 -10.45
CA GLU A 225 21.08 12.46 -9.85
C GLU A 225 20.63 11.10 -10.41
N VAL A 226 19.31 10.96 -10.63
CA VAL A 226 18.74 9.77 -11.24
C VAL A 226 19.22 9.57 -12.68
N LEU A 227 19.25 10.65 -13.46
CA LEU A 227 19.58 10.54 -14.88
C LEU A 227 21.09 10.42 -15.10
N SER A 228 21.89 10.86 -14.14
CA SER A 228 23.36 10.84 -14.25
C SER A 228 24.01 9.64 -13.56
N ARG A 229 23.35 9.11 -12.53
CA ARG A 229 23.96 8.22 -11.53
C ARG A 229 25.23 8.82 -10.92
N LYS A 230 25.26 10.14 -10.76
CA LYS A 230 26.38 10.83 -10.14
C LYS A 230 25.99 11.50 -8.83
N GLN A 231 26.96 11.66 -7.95
CA GLN A 231 26.81 12.43 -6.72
C GLN A 231 26.86 13.92 -7.08
N PRO A 232 25.80 14.70 -6.72
CA PRO A 232 25.86 16.13 -7.03
C PRO A 232 27.00 16.81 -6.28
N PHE A 233 27.75 17.66 -6.98
CA PHE A 233 28.94 18.37 -6.42
C PHE A 233 29.99 17.43 -5.83
N GLU A 234 30.25 16.30 -6.50
CA GLU A 234 31.09 15.24 -5.94
C GLU A 234 32.52 15.73 -5.67
N ASP A 235 33.05 16.55 -6.58
CA ASP A 235 34.40 17.07 -6.49
C ASP A 235 34.57 18.26 -5.54
N VAL A 236 33.46 18.79 -5.01
CA VAL A 236 33.51 19.93 -4.09
C VAL A 236 33.59 19.38 -2.66
N THR A 237 34.75 19.60 -2.03
CA THR A 237 35.11 18.92 -0.77
C THR A 237 34.62 19.63 0.48
N ASN A 238 34.38 20.94 0.39
CA ASN A 238 33.93 21.75 1.52
C ASN A 238 32.46 22.17 1.29
N PRO A 239 31.54 21.81 2.20
CA PRO A 239 30.11 22.19 2.02
C PRO A 239 29.89 23.69 1.89
N LEU A 240 30.73 24.49 2.54
CA LEU A 240 30.67 25.95 2.40
C LEU A 240 30.96 26.43 0.98
N GLN A 241 31.81 25.72 0.26
CA GLN A 241 32.02 26.02 -1.15
C GLN A 241 30.78 25.69 -1.99
N ILE A 242 30.10 24.60 -1.63
CA ILE A 242 28.85 24.24 -2.30
C ILE A 242 27.84 25.37 -2.06
N MET A 243 27.68 25.77 -0.81
CA MET A 243 26.72 26.81 -0.46
C MET A 243 27.00 28.12 -1.17
N TYR A 244 28.28 28.53 -1.17
CA TYR A 244 28.66 29.77 -1.81
C TYR A 244 28.40 29.68 -3.30
N SER A 245 28.81 28.57 -3.92
CA SER A 245 28.65 28.38 -5.36
C SER A 245 27.18 28.39 -5.79
N VAL A 246 26.34 27.69 -5.04
CA VAL A 246 24.90 27.61 -5.32
C VAL A 246 24.25 28.99 -5.18
N SER A 247 24.65 29.73 -4.15
CA SER A 247 24.11 31.08 -3.94
C SER A 247 24.46 32.03 -5.11
N GLN A 248 25.52 31.69 -5.84
CA GLN A 248 25.96 32.46 -7.02
C GLN A 248 25.40 31.89 -8.31
N GLY A 249 24.57 30.84 -8.20
CA GLY A 249 23.89 30.27 -9.37
C GLY A 249 24.49 29.00 -9.96
N HIS A 250 25.57 28.47 -9.39
CA HIS A 250 26.16 27.21 -9.87
C HIS A 250 25.27 26.04 -9.44
N ARG A 251 25.24 25.01 -10.28
CA ARG A 251 24.38 23.85 -10.06
C ARG A 251 25.17 22.62 -10.49
N PRO A 252 24.69 21.40 -10.12
CA PRO A 252 25.37 20.22 -10.68
C PRO A 252 25.54 20.30 -12.20
N VAL A 253 26.68 19.82 -12.68
CA VAL A 253 27.12 20.04 -14.06
C VAL A 253 26.23 19.32 -15.09
N ILE A 254 25.86 20.06 -16.12
CA ILE A 254 25.12 19.48 -17.23
C ILE A 254 26.01 19.54 -18.49
N ASN A 255 26.52 18.38 -18.89
CA ASN A 255 27.23 18.23 -20.16
C ASN A 255 27.05 16.79 -20.63
N GLU A 256 27.70 16.43 -21.75
CA GLU A 256 27.67 15.07 -22.28
C GLU A 256 28.18 14.02 -21.30
N GLU A 257 29.15 14.39 -20.48
CA GLU A 257 29.74 13.49 -19.49
C GLU A 257 28.76 13.15 -18.34
N SER A 258 28.14 14.18 -17.75
CA SER A 258 27.18 13.96 -16.65
C SER A 258 25.86 13.38 -17.14
N LEU A 259 25.38 13.89 -18.28
CA LEU A 259 24.10 13.48 -18.85
C LEU A 259 24.29 13.05 -20.31
N PRO A 260 24.53 11.73 -20.56
CA PRO A 260 24.79 11.21 -21.92
C PRO A 260 23.69 11.54 -22.91
N TYR A 261 24.07 11.67 -24.18
CA TYR A 261 23.14 12.06 -25.26
C TYR A 261 22.01 11.06 -25.51
N ASP A 262 22.18 9.84 -25.03
CA ASP A 262 21.17 8.78 -25.24
C ASP A 262 20.08 8.70 -24.15
N ILE A 263 20.10 9.63 -23.18
CA ILE A 263 18.99 9.77 -22.22
C ILE A 263 17.70 10.08 -22.98
N PRO A 264 16.65 9.24 -22.82
CA PRO A 264 15.36 9.54 -23.45
C PRO A 264 14.87 10.93 -23.04
N HIS A 265 14.33 11.68 -24.00
CA HIS A 265 13.78 13.02 -23.78
C HIS A 265 14.75 13.97 -23.09
N ARG A 266 16.04 13.83 -23.40
CA ARG A 266 17.11 14.58 -22.74
C ARG A 266 16.85 16.09 -22.69
N ALA A 267 16.48 16.69 -23.83
CA ALA A 267 16.27 18.14 -23.91
C ALA A 267 15.14 18.64 -22.97
N ARG A 268 14.02 17.93 -22.96
CA ARG A 268 12.91 18.26 -22.08
C ARG A 268 13.26 18.09 -20.62
N MET A 269 13.97 17.00 -20.31
CA MET A 269 14.37 16.72 -18.93
C MET A 269 15.34 17.76 -18.39
N ILE A 270 16.32 18.16 -19.22
CA ILE A 270 17.28 19.22 -18.83
C ILE A 270 16.54 20.54 -18.62
N SER A 271 15.61 20.86 -19.53
CA SER A 271 14.79 22.08 -19.42
C SER A 271 14.00 22.10 -18.07
N LEU A 272 13.37 20.97 -17.76
CA LEU A 272 12.66 20.84 -16.50
C LEU A 272 13.58 21.00 -15.28
N ILE A 273 14.70 20.27 -15.28
CA ILE A 273 15.69 20.39 -14.18
C ILE A 273 16.07 21.85 -13.92
N GLU A 274 16.42 22.57 -15.00
CA GLU A 274 16.88 23.94 -14.88
C GLU A 274 15.81 24.91 -14.37
N SER A 275 14.55 24.63 -14.69
CA SER A 275 13.46 25.40 -14.08
C SER A 275 13.27 25.01 -12.60
N GLY A 276 13.35 23.70 -12.32
CA GLY A 276 13.15 23.21 -10.95
C GLY A 276 14.17 23.74 -9.96
N TRP A 277 15.41 23.93 -10.40
CA TRP A 277 16.44 24.46 -9.51
C TRP A 277 16.79 25.93 -9.79
N ALA A 278 15.91 26.64 -10.49
CA ALA A 278 16.14 28.06 -10.86
C ALA A 278 16.47 28.90 -9.63
N GLN A 279 17.41 29.84 -9.81
CA GLN A 279 17.76 30.78 -8.73
C GLN A 279 16.54 31.48 -8.15
N ASN A 280 15.67 31.99 -9.04
CA ASN A 280 14.43 32.65 -8.65
C ASN A 280 13.38 31.57 -8.34
N PRO A 281 12.93 31.48 -7.07
CA PRO A 281 11.89 30.48 -6.73
C PRO A 281 10.60 30.61 -7.57
N ASP A 282 10.25 31.83 -7.99
CA ASP A 282 9.07 32.05 -8.87
C ASP A 282 9.14 31.33 -10.21
N GLU A 283 10.36 31.01 -10.65
CA GLU A 283 10.56 30.26 -11.89
C GLU A 283 10.45 28.74 -11.73
N ARG A 284 10.42 28.28 -10.48
CA ARG A 284 10.25 26.85 -10.17
C ARG A 284 8.75 26.50 -10.18
N PRO A 285 8.38 25.35 -10.78
CA PRO A 285 6.96 25.00 -10.83
C PRO A 285 6.41 24.44 -9.50
N SER A 286 5.08 24.53 -9.31
CA SER A 286 4.39 23.64 -8.35
C SER A 286 4.60 22.19 -8.80
N PHE A 287 4.40 21.23 -7.89
CA PHE A 287 4.45 19.82 -8.33
C PHE A 287 3.33 19.48 -9.31
N LEU A 288 2.18 20.13 -9.19
CA LEU A 288 1.09 19.91 -10.14
C LEU A 288 1.51 20.35 -11.54
N LYS A 289 2.09 21.54 -11.62
CA LYS A 289 2.62 22.07 -12.87
C LYS A 289 3.71 21.14 -13.43
N CYS A 290 4.62 20.69 -12.57
CA CYS A 290 5.66 19.75 -12.97
C CYS A 290 5.07 18.45 -13.57
N LEU A 291 4.02 17.92 -12.93
CA LEU A 291 3.34 16.72 -13.44
C LEU A 291 2.65 16.95 -14.78
N ILE A 292 1.95 18.09 -14.91
CA ILE A 292 1.28 18.47 -16.17
C ILE A 292 2.30 18.56 -17.31
N GLU A 293 3.44 19.20 -17.03
CA GLU A 293 4.51 19.37 -18.02
C GLU A 293 5.17 18.05 -18.40
N LEU A 294 5.35 17.15 -17.42
CA LEU A 294 6.08 15.88 -17.66
C LEU A 294 5.24 14.67 -18.02
N GLU A 295 3.94 14.70 -17.76
CA GLU A 295 3.05 13.57 -18.08
C GLU A 295 3.24 13.00 -19.51
N PRO A 296 3.33 13.88 -20.55
CA PRO A 296 3.58 13.33 -21.91
C PRO A 296 4.88 12.52 -22.00
N VAL A 297 5.95 12.99 -21.34
CA VAL A 297 7.22 12.25 -21.27
C VAL A 297 7.04 10.89 -20.56
N PHE A 298 6.48 10.92 -19.34
CA PHE A 298 6.27 9.67 -18.58
C PHE A 298 5.44 8.61 -19.34
N ARG A 299 4.44 9.10 -20.07
CA ARG A 299 3.49 8.30 -20.87
C ARG A 299 4.16 7.50 -22.00
N THR A 300 5.27 7.99 -22.53
CA THR A 300 5.95 7.29 -23.64
C THR A 300 6.51 5.90 -23.25
N PHE A 301 6.73 5.67 -21.96
CA PHE A 301 7.31 4.41 -21.50
C PHE A 301 6.28 3.30 -21.37
N GLU A 302 6.67 2.09 -21.78
CA GLU A 302 5.84 0.89 -21.62
C GLU A 302 6.00 0.33 -20.20
N GLU A 303 5.00 -0.44 -19.76
CA GLU A 303 4.97 -1.01 -18.41
C GLU A 303 6.08 -2.06 -18.15
N ILE A 304 6.66 -2.01 -16.95
CA ILE A 304 7.78 -2.88 -16.55
C ILE A 304 7.25 -4.26 -16.13
N ALA B 9 -4.78 11.08 21.26
CA ALA B 9 -5.54 10.37 20.19
C ALA B 9 -5.11 10.82 18.78
N ILE B 10 -4.02 10.24 18.28
CA ILE B 10 -3.52 10.53 16.92
C ILE B 10 -4.53 10.06 15.86
N CYS B 11 -5.14 11.03 15.17
CA CYS B 11 -6.24 10.82 14.24
C CYS B 11 -5.89 11.23 12.79
N SER B 12 -6.36 10.43 11.84
CA SER B 12 -6.25 10.67 10.40
C SER B 12 -7.69 10.78 9.86
N ALA B 13 -7.98 11.91 9.23
CA ALA B 13 -9.32 12.15 8.64
C ALA B 13 -9.37 11.55 7.23
N LEU B 14 -10.48 10.93 6.87
CA LEU B 14 -10.68 10.47 5.49
C LEU B 14 -10.97 11.68 4.60
N PRO B 15 -10.17 11.90 3.53
CA PRO B 15 -10.42 13.06 2.66
C PRO B 15 -11.80 13.02 1.99
N THR B 16 -12.44 14.18 1.92
CA THR B 16 -13.63 14.37 1.10
C THR B 16 -13.16 14.89 -0.25
N ILE B 17 -13.53 14.19 -1.30
CA ILE B 17 -13.11 14.56 -2.65
C ILE B 17 -14.29 15.24 -3.35
N PRO B 18 -14.15 16.55 -3.65
CA PRO B 18 -15.23 17.25 -4.37
C PRO B 18 -15.48 16.62 -5.74
N TYR B 19 -16.75 16.54 -6.13
CA TYR B 19 -17.16 15.88 -7.40
C TYR B 19 -16.40 16.38 -8.63
N HIS B 20 -16.14 17.70 -8.70
CA HIS B 20 -15.47 18.29 -9.88
C HIS B 20 -14.02 17.83 -10.05
N LYS B 21 -13.45 17.17 -9.03
CA LYS B 21 -12.08 16.65 -9.11
C LYS B 21 -11.99 15.24 -9.72
N LEU B 22 -13.14 14.60 -9.93
CA LEU B 22 -13.18 13.29 -10.59
C LEU B 22 -13.39 13.44 -12.10
N ALA B 23 -12.37 13.07 -12.86
CA ALA B 23 -12.39 13.24 -14.31
C ALA B 23 -12.49 11.87 -14.96
N ASP B 24 -13.05 11.85 -16.18
CA ASP B 24 -13.08 10.66 -17.03
C ASP B 24 -13.76 9.44 -16.38
N LEU B 25 -14.91 9.67 -15.75
CA LEU B 25 -15.68 8.59 -15.11
C LEU B 25 -16.14 7.58 -16.16
N ARG B 26 -15.76 6.32 -15.98
CA ARG B 26 -16.15 5.24 -16.91
C ARG B 26 -16.63 4.02 -16.13
N TYR B 27 -17.76 3.47 -16.56
CA TYR B 27 -18.30 2.22 -16.04
C TYR B 27 -17.26 1.11 -16.09
N LEU B 28 -17.05 0.43 -14.96
CA LEU B 28 -16.25 -0.81 -14.91
C LEU B 28 -17.13 -2.04 -14.64
N SER B 29 -18.09 -1.88 -13.72
CA SER B 29 -18.91 -2.98 -13.20
C SER B 29 -20.16 -2.40 -12.55
N ARG B 30 -21.32 -2.93 -12.93
CA ARG B 30 -22.58 -2.56 -12.25
C ARG B 30 -23.14 -3.77 -11.53
N GLY B 31 -23.49 -3.55 -10.27
CA GLY B 31 -24.09 -4.59 -9.43
C GLY B 31 -25.48 -4.18 -9.00
N ALA B 32 -26.04 -4.93 -8.05
CA ALA B 32 -27.40 -4.71 -7.57
C ALA B 32 -27.52 -3.45 -6.70
N SER B 33 -26.53 -3.24 -5.82
CA SER B 33 -26.53 -2.15 -4.83
C SER B 33 -25.78 -0.90 -5.30
N GLY B 34 -24.84 -1.07 -6.23
CA GLY B 34 -24.07 0.05 -6.77
C GLY B 34 -23.30 -0.24 -8.04
N THR B 35 -22.42 0.70 -8.39
CA THR B 35 -21.61 0.64 -9.59
C THR B 35 -20.16 0.97 -9.24
N VAL B 36 -19.21 0.26 -9.85
CA VAL B 36 -17.80 0.63 -9.76
C VAL B 36 -17.40 1.26 -11.09
N SER B 37 -16.80 2.45 -11.01
CA SER B 37 -16.31 3.20 -12.17
C SER B 37 -14.83 3.50 -12.00
N SER B 38 -14.09 3.58 -13.10
CA SER B 38 -12.74 4.13 -13.06
C SER B 38 -12.85 5.65 -13.26
N ALA B 39 -11.83 6.36 -12.76
CA ALA B 39 -11.75 7.81 -12.92
C ALA B 39 -10.29 8.23 -12.75
N ARG B 40 -10.03 9.51 -12.98
CA ARG B 40 -8.75 10.12 -12.62
C ARG B 40 -9.04 11.24 -11.65
N HIS B 41 -8.19 11.38 -10.65
CA HIS B 41 -8.28 12.51 -9.76
C HIS B 41 -7.53 13.64 -10.45
N ALA B 42 -8.22 14.75 -10.69
CA ALA B 42 -7.71 15.84 -11.52
C ALA B 42 -6.48 16.53 -10.90
N ASP B 43 -6.41 16.55 -9.57
CA ASP B 43 -5.34 17.22 -8.83
C ASP B 43 -4.18 16.27 -8.49
N TRP B 44 -4.51 15.03 -8.10
CA TRP B 44 -3.49 14.08 -7.66
C TRP B 44 -2.87 13.34 -8.83
N ARG B 45 -3.53 13.38 -10.00
CA ARG B 45 -2.96 12.89 -11.27
C ARG B 45 -2.76 11.37 -11.24
N VAL B 46 -3.65 10.68 -10.54
CA VAL B 46 -3.64 9.22 -10.47
C VAL B 46 -4.98 8.65 -10.92
N GLN B 47 -4.94 7.43 -11.43
CA GLN B 47 -6.14 6.66 -11.69
C GLN B 47 -6.75 6.18 -10.36
N VAL B 48 -8.08 6.23 -10.26
CA VAL B 48 -8.78 5.74 -9.07
C VAL B 48 -9.94 4.84 -9.48
N ALA B 49 -10.45 4.07 -8.53
CA ALA B 49 -11.73 3.38 -8.68
C ALA B 49 -12.73 4.10 -7.81
N VAL B 50 -13.97 4.19 -8.28
CA VAL B 50 -15.05 4.85 -7.54
C VAL B 50 -16.22 3.86 -7.42
N LYS B 51 -16.56 3.51 -6.18
CA LYS B 51 -17.68 2.59 -5.89
C LYS B 51 -18.84 3.46 -5.41
N HIS B 52 -19.82 3.66 -6.28
CA HIS B 52 -20.87 4.65 -6.05
C HIS B 52 -22.27 4.07 -6.18
N LEU B 53 -23.25 4.75 -5.57
CA LEU B 53 -24.67 4.38 -5.74
C LEU B 53 -25.14 4.70 -7.17
N HIS B 54 -26.20 4.03 -7.62
CA HIS B 54 -26.75 4.23 -8.97
C HIS B 54 -27.03 5.70 -9.30
N ILE B 55 -26.51 6.15 -10.43
CA ILE B 55 -26.69 7.53 -10.95
C ILE B 55 -28.14 7.80 -11.39
N HIS B 56 -28.85 6.74 -11.78
CA HIS B 56 -30.26 6.80 -12.21
C HIS B 56 -31.24 7.24 -11.11
N THR B 57 -31.31 6.45 -10.02
CA THR B 57 -32.26 6.69 -8.92
C THR B 57 -31.80 7.84 -8.00
N PRO B 58 -32.75 8.64 -7.45
CA PRO B 58 -32.47 9.50 -6.29
C PRO B 58 -31.93 8.73 -5.07
N LEU B 59 -31.16 9.43 -4.23
CA LEU B 59 -30.37 8.80 -3.17
C LEU B 59 -31.12 8.59 -1.86
N LEU B 60 -31.41 7.31 -1.56
CA LEU B 60 -32.06 6.92 -0.31
C LEU B 60 -31.09 7.08 0.86
N ASP B 61 -31.60 7.65 1.96
CA ASP B 61 -30.80 7.98 3.15
C ASP B 61 -30.22 6.77 3.90
N SER B 62 -30.89 5.63 3.80
CA SER B 62 -30.40 4.36 4.33
C SER B 62 -29.23 3.81 3.50
N GLU B 63 -29.30 4.03 2.17
CA GLU B 63 -28.22 3.67 1.25
C GLU B 63 -26.98 4.51 1.54
N ARG B 64 -27.19 5.80 1.82
CA ARG B 64 -26.11 6.72 2.18
C ARG B 64 -25.33 6.25 3.42
N LYS B 65 -26.06 5.84 4.45
CA LYS B 65 -25.45 5.35 5.69
C LYS B 65 -24.61 4.09 5.49
N ASP B 66 -25.09 3.18 4.64
CA ASP B 66 -24.35 1.97 4.27
C ASP B 66 -22.99 2.29 3.63
N VAL B 67 -22.98 3.28 2.73
CA VAL B 67 -21.75 3.67 2.04
C VAL B 67 -20.78 4.30 3.04
N LEU B 68 -21.28 5.22 3.85
CA LEU B 68 -20.45 5.87 4.88
C LEU B 68 -19.84 4.88 5.86
N ARG B 69 -20.64 3.88 6.25
CA ARG B 69 -20.17 2.82 7.14
C ARG B 69 -19.04 2.00 6.51
N GLU B 70 -19.23 1.60 5.24
CA GLU B 70 -18.21 0.87 4.50
C GLU B 70 -16.92 1.70 4.37
N ALA B 71 -17.06 2.99 4.08
CA ALA B 71 -15.92 3.90 3.90
C ALA B 71 -15.13 3.99 5.19
N GLU B 72 -15.84 4.08 6.31
CA GLU B 72 -15.21 4.20 7.63
C GLU B 72 -14.44 2.94 8.01
N ILE B 73 -15.06 1.79 7.71
CA ILE B 73 -14.39 0.51 7.91
C ILE B 73 -13.10 0.42 7.10
N LEU B 74 -13.16 0.70 5.79
CA LEU B 74 -11.96 0.69 4.96
C LEU B 74 -10.85 1.60 5.49
N HIS B 75 -11.26 2.79 5.92
CA HIS B 75 -10.35 3.80 6.45
C HIS B 75 -9.64 3.31 7.71
N LYS B 76 -10.40 2.69 8.62
CA LYS B 76 -9.85 2.17 9.88
C LYS B 76 -9.00 0.91 9.71
N ALA B 77 -9.34 0.11 8.71
CA ALA B 77 -8.71 -1.21 8.47
C ALA B 77 -7.46 -1.18 7.61
N ARG B 78 -6.98 0.01 7.27
CA ARG B 78 -5.84 0.11 6.38
C ARG B 78 -4.62 -0.68 6.83
N PHE B 79 -4.02 -1.38 5.85
CA PHE B 79 -2.94 -2.33 6.10
C PHE B 79 -2.42 -2.78 4.75
N SER B 80 -1.24 -3.40 4.75
CA SER B 80 -0.54 -3.79 3.51
C SER B 80 -1.37 -4.62 2.52
N TYR B 81 -2.28 -5.44 3.04
CA TYR B 81 -3.07 -6.38 2.19
C TYR B 81 -4.56 -6.05 2.09
N ILE B 82 -4.90 -4.80 2.44
CA ILE B 82 -6.27 -4.30 2.40
C ILE B 82 -6.32 -3.18 1.36
N LEU B 83 -7.35 -3.17 0.51
CA LEU B 83 -7.53 -2.12 -0.50
C LEU B 83 -7.47 -0.71 0.15
N PRO B 84 -6.53 0.14 -0.31
CA PRO B 84 -6.46 1.49 0.30
C PRO B 84 -7.62 2.39 -0.18
N ILE B 85 -8.31 3.02 0.77
CA ILE B 85 -9.30 4.03 0.48
C ILE B 85 -8.60 5.40 0.40
N LEU B 86 -8.91 6.16 -0.64
CA LEU B 86 -8.29 7.46 -0.88
C LEU B 86 -9.17 8.61 -0.42
N GLY B 87 -10.48 8.41 -0.46
CA GLY B 87 -11.42 9.41 0.00
C GLY B 87 -12.86 9.01 -0.23
N ILE B 88 -13.76 9.93 0.10
CA ILE B 88 -15.19 9.79 -0.13
C ILE B 88 -15.66 10.99 -0.95
N CYS B 89 -16.43 10.73 -2.00
CA CYS B 89 -17.13 11.79 -2.74
C CYS B 89 -18.58 11.77 -2.27
N ASN B 90 -18.95 12.83 -1.54
CA ASN B 90 -20.22 12.89 -0.84
C ASN B 90 -20.98 14.16 -1.27
N GLU B 91 -21.88 13.99 -2.24
CA GLU B 91 -22.62 15.08 -2.89
C GLU B 91 -24.14 14.87 -2.77
N PRO B 92 -24.96 15.94 -2.96
CA PRO B 92 -26.43 15.76 -2.96
C PRO B 92 -26.93 14.60 -3.82
N GLU B 93 -26.39 14.44 -5.03
CA GLU B 93 -26.85 13.41 -5.96
C GLU B 93 -25.77 12.39 -6.38
N PHE B 94 -24.66 12.33 -5.65
CA PHE B 94 -23.58 11.37 -5.92
C PHE B 94 -22.89 10.98 -4.62
N LEU B 95 -22.72 9.68 -4.42
CA LEU B 95 -22.03 9.19 -3.23
C LEU B 95 -21.14 8.02 -3.62
N GLY B 96 -19.83 8.20 -3.45
CA GLY B 96 -18.87 7.20 -3.91
C GLY B 96 -17.65 7.07 -3.04
N ILE B 97 -17.22 5.82 -2.85
CA ILE B 97 -15.99 5.51 -2.15
C ILE B 97 -14.88 5.50 -3.21
N VAL B 98 -13.87 6.33 -2.99
CA VAL B 98 -12.73 6.42 -3.92
C VAL B 98 -11.56 5.58 -3.39
N THR B 99 -11.14 4.58 -4.16
CA THR B 99 -10.02 3.72 -3.74
C THR B 99 -8.89 3.74 -4.78
N GLU B 100 -7.73 3.19 -4.40
CA GLU B 100 -6.67 2.92 -5.38
C GLU B 100 -7.19 2.01 -6.49
N TYR B 101 -6.81 2.30 -7.72
CA TYR B 101 -7.18 1.48 -8.85
C TYR B 101 -6.30 0.22 -8.90
N MET B 102 -6.92 -0.95 -8.97
CA MET B 102 -6.19 -2.21 -9.03
C MET B 102 -6.13 -2.67 -10.48
N PRO B 103 -4.92 -2.64 -11.11
CA PRO B 103 -4.81 -2.89 -12.56
C PRO B 103 -5.04 -4.35 -12.98
N ASN B 104 -4.86 -5.30 -12.07
CA ASN B 104 -4.88 -6.71 -12.46
C ASN B 104 -6.10 -7.49 -12.03
N GLY B 105 -7.22 -6.77 -11.85
CA GLY B 105 -8.53 -7.38 -11.61
C GLY B 105 -8.59 -8.14 -10.29
N SER B 106 -9.34 -9.24 -10.30
CA SER B 106 -9.56 -10.04 -9.10
C SER B 106 -8.91 -11.40 -9.24
N LEU B 107 -8.74 -12.07 -8.09
CA LEU B 107 -8.25 -13.44 -8.04
C LEU B 107 -9.15 -14.38 -8.85
N ASN B 108 -10.45 -14.11 -8.84
CA ASN B 108 -11.40 -14.89 -9.64
C ASN B 108 -11.03 -14.94 -11.13
N GLU B 109 -10.72 -13.77 -11.69
CA GLU B 109 -10.28 -13.65 -13.09
C GLU B 109 -8.98 -14.38 -13.34
N LEU B 110 -8.01 -14.24 -12.42
CA LEU B 110 -6.73 -14.94 -12.53
C LEU B 110 -6.91 -16.47 -12.60
N LEU B 111 -7.78 -17.00 -11.75
CA LEU B 111 -7.96 -18.44 -11.63
C LEU B 111 -8.76 -19.07 -12.77
N HIS B 112 -9.82 -18.37 -13.20
CA HIS B 112 -10.81 -18.96 -14.09
C HIS B 112 -10.78 -18.49 -15.56
N ARG B 113 -10.00 -17.46 -15.87
CA ARG B 113 -9.80 -17.05 -17.27
C ARG B 113 -8.54 -17.74 -17.81
N LYS B 114 -8.74 -18.99 -18.23
CA LYS B 114 -7.65 -19.89 -18.56
C LYS B 114 -6.95 -19.61 -19.92
N THR B 115 -7.64 -18.91 -20.82
CA THR B 115 -7.02 -18.44 -22.07
C THR B 115 -6.14 -17.23 -21.77
N GLU B 116 -6.67 -16.26 -21.01
CA GLU B 116 -5.88 -15.10 -20.59
C GLU B 116 -4.67 -15.50 -19.74
N TYR B 117 -4.86 -16.46 -18.82
CA TYR B 117 -3.78 -16.93 -17.94
C TYR B 117 -3.63 -18.46 -18.01
N PRO B 118 -2.91 -18.97 -19.03
CA PRO B 118 -2.74 -20.43 -19.16
C PRO B 118 -1.98 -21.06 -17.99
N ASP B 119 -0.96 -20.35 -17.50
N ASP B 119 -0.91 -20.40 -17.53
CA ASP B 119 -0.15 -20.82 -16.38
CA ASP B 119 -0.18 -20.86 -16.35
C ASP B 119 -0.21 -19.82 -15.22
C ASP B 119 -0.26 -19.84 -15.24
N VAL B 120 -0.54 -20.32 -14.04
CA VAL B 120 -0.43 -19.53 -12.80
C VAL B 120 0.50 -20.35 -11.91
N ALA B 121 1.75 -19.89 -11.79
CA ALA B 121 2.80 -20.66 -11.16
C ALA B 121 2.55 -20.84 -9.65
N TRP B 122 3.01 -21.96 -9.11
CA TRP B 122 2.83 -22.25 -7.68
C TRP B 122 3.33 -21.16 -6.70
N PRO B 123 4.54 -20.58 -6.93
CA PRO B 123 4.96 -19.58 -5.94
C PRO B 123 4.00 -18.40 -5.85
N LEU B 124 3.45 -17.96 -6.99
CA LEU B 124 2.44 -16.90 -7.01
C LEU B 124 1.17 -17.29 -6.24
N ARG B 125 0.67 -18.51 -6.48
CA ARG B 125 -0.53 -18.98 -5.80
C ARG B 125 -0.35 -19.00 -4.28
N PHE B 126 0.79 -19.52 -3.83
CA PHE B 126 1.07 -19.62 -2.40
C PHE B 126 1.31 -18.24 -1.77
N ARG B 127 1.91 -17.33 -2.52
CA ARG B 127 2.10 -15.97 -2.03
C ARG B 127 0.73 -15.27 -1.85
N ILE B 128 -0.15 -15.46 -2.83
CA ILE B 128 -1.53 -14.96 -2.75
C ILE B 128 -2.25 -15.50 -1.51
N LEU B 129 -2.18 -16.80 -1.29
CA LEU B 129 -2.79 -17.43 -0.11
C LEU B 129 -2.20 -16.90 1.21
N HIS B 130 -0.89 -16.71 1.23
CA HIS B 130 -0.21 -16.15 2.41
C HIS B 130 -0.70 -14.72 2.69
N GLU B 131 -0.75 -13.90 1.64
CA GLU B 131 -1.16 -12.49 1.77
C GLU B 131 -2.62 -12.33 2.19
N ILE B 132 -3.50 -13.19 1.67
CA ILE B 132 -4.90 -13.19 2.12
C ILE B 132 -4.98 -13.45 3.63
N ALA B 133 -4.27 -14.49 4.09
CA ALA B 133 -4.27 -14.83 5.51
C ALA B 133 -3.71 -13.67 6.36
N LEU B 134 -2.66 -13.00 5.87
CA LEU B 134 -2.09 -11.86 6.59
C LEU B 134 -3.07 -10.70 6.68
N GLY B 135 -3.77 -10.43 5.58
CA GLY B 135 -4.79 -9.39 5.54
C GLY B 135 -5.92 -9.68 6.51
N VAL B 136 -6.46 -10.90 6.48
CA VAL B 136 -7.60 -11.22 7.35
C VAL B 136 -7.15 -11.29 8.81
N ASN B 137 -5.98 -11.88 9.06
CA ASN B 137 -5.41 -11.90 10.43
C ASN B 137 -5.33 -10.47 10.99
N TYR B 138 -4.89 -9.53 10.16
CA TYR B 138 -4.82 -8.14 10.61
C TYR B 138 -6.21 -7.64 11.06
N LEU B 139 -7.23 -7.88 10.23
CA LEU B 139 -8.63 -7.48 10.55
C LEU B 139 -9.08 -8.07 11.88
N HIS B 140 -8.81 -9.36 12.07
CA HIS B 140 -9.23 -10.07 13.28
C HIS B 140 -8.46 -9.63 14.55
N ASN B 141 -7.31 -8.99 14.36
CA ASN B 141 -6.50 -8.48 15.47
C ASN B 141 -6.76 -7.02 15.84
N MET B 142 -7.67 -6.37 15.12
CA MET B 142 -8.10 -5.01 15.47
C MET B 142 -8.90 -5.04 16.77
N THR B 143 -9.08 -3.89 17.39
CA THR B 143 -9.79 -3.81 18.66
C THR B 143 -10.90 -2.76 18.48
N PRO B 144 -12.17 -3.16 18.30
CA PRO B 144 -12.61 -4.55 18.24
C PRO B 144 -12.25 -5.24 16.90
N PRO B 145 -12.27 -6.59 16.86
CA PRO B 145 -11.96 -7.31 15.62
C PRO B 145 -12.95 -6.95 14.50
N LEU B 146 -12.45 -6.87 13.27
CA LEU B 146 -13.30 -6.70 12.10
C LEU B 146 -13.45 -8.03 11.39
N LEU B 147 -14.69 -8.46 11.21
CA LEU B 147 -15.00 -9.72 10.51
C LEU B 147 -15.46 -9.35 9.11
N HIS B 148 -14.84 -9.94 8.09
CA HIS B 148 -15.09 -9.52 6.70
C HIS B 148 -16.47 -9.98 6.20
N HIS B 149 -16.72 -11.29 6.36
CA HIS B 149 -18.01 -11.94 6.05
C HIS B 149 -18.34 -12.02 4.56
N ASP B 150 -17.45 -11.60 3.67
CA ASP B 150 -17.68 -11.81 2.23
C ASP B 150 -16.41 -12.13 1.46
N LEU B 151 -15.55 -12.92 2.09
CA LEU B 151 -14.32 -13.32 1.44
C LEU B 151 -14.68 -14.29 0.34
N LYS B 152 -14.15 -13.98 -0.85
CA LYS B 152 -14.30 -14.82 -2.03
C LYS B 152 -13.29 -14.35 -3.05
N THR B 153 -13.08 -15.15 -4.10
CA THR B 153 -12.04 -14.81 -5.06
C THR B 153 -12.34 -13.52 -5.83
N GLN B 154 -13.62 -13.19 -6.00
CA GLN B 154 -14.02 -11.94 -6.66
CA GLN B 154 -14.04 -11.94 -6.64
C GLN B 154 -13.68 -10.71 -5.82
N ASN B 155 -13.52 -10.90 -4.50
CA ASN B 155 -13.23 -9.80 -3.58
C ASN B 155 -11.76 -9.70 -3.18
N ILE B 156 -10.92 -10.52 -3.81
CA ILE B 156 -9.49 -10.46 -3.61
C ILE B 156 -8.94 -9.79 -4.87
N LEU B 157 -8.55 -8.51 -4.76
CA LEU B 157 -8.03 -7.77 -5.91
C LEU B 157 -6.52 -7.87 -6.00
N LEU B 158 -6.01 -7.66 -7.21
CA LEU B 158 -4.59 -7.83 -7.49
C LEU B 158 -4.02 -6.53 -8.06
N ASP B 159 -2.98 -6.03 -7.38
CA ASP B 159 -2.35 -4.76 -7.77
C ASP B 159 -1.42 -4.95 -8.98
N ASN B 160 -0.60 -3.95 -9.30
CA ASN B 160 0.18 -4.04 -10.56
C ASN B 160 1.21 -5.19 -10.62
N GLU B 161 1.70 -5.64 -9.46
CA GLU B 161 2.55 -6.84 -9.43
C GLU B 161 1.92 -8.05 -8.75
N PHE B 162 0.58 -8.14 -8.83
CA PHE B 162 -0.18 -9.31 -8.39
C PHE B 162 -0.05 -9.60 -6.88
N HIS B 163 0.09 -8.52 -6.11
CA HIS B 163 -0.06 -8.62 -4.66
C HIS B 163 -1.53 -8.40 -4.29
N VAL B 164 -1.94 -9.02 -3.17
CA VAL B 164 -3.33 -9.03 -2.71
C VAL B 164 -3.76 -7.70 -2.07
N LYS B 165 -4.94 -7.22 -2.47
CA LYS B 165 -5.68 -6.22 -1.71
C LYS B 165 -7.08 -6.77 -1.48
N ILE B 166 -7.41 -7.05 -0.23
CA ILE B 166 -8.78 -7.49 0.13
C ILE B 166 -9.72 -6.31 -0.01
N ALA B 167 -10.81 -6.54 -0.74
CA ALA B 167 -11.80 -5.50 -0.99
C ALA B 167 -13.22 -5.91 -0.52
N ASP B 168 -14.18 -5.02 -0.75
CA ASP B 168 -15.61 -5.23 -0.54
C ASP B 168 -15.99 -5.52 0.92
N PHE B 169 -16.02 -4.46 1.70
CA PHE B 169 -16.34 -4.50 3.12
C PHE B 169 -17.84 -4.23 3.41
N GLY B 170 -18.67 -4.44 2.38
CA GLY B 170 -20.12 -4.17 2.44
C GLY B 170 -20.88 -5.01 3.45
N LEU B 171 -20.39 -6.20 3.74
CA LEU B 171 -21.04 -7.08 4.73
C LEU B 171 -20.28 -7.21 6.03
N SER B 172 -19.19 -6.44 6.19
CA SER B 172 -18.29 -6.58 7.33
CA SER B 172 -18.30 -6.59 7.33
C SER B 172 -18.93 -6.07 8.61
N LYS B 173 -18.50 -6.63 9.73
CA LYS B 173 -19.01 -6.26 11.05
C LYS B 173 -17.89 -6.17 12.06
N TRP B 174 -17.96 -5.15 12.92
CA TRP B 174 -17.14 -5.11 14.13
C TRP B 174 -17.69 -6.15 15.13
N ARG B 175 -16.81 -6.95 15.70
CA ARG B 175 -17.22 -7.96 16.67
C ARG B 175 -17.30 -7.32 18.06
N MET B 176 -18.52 -6.97 18.50
CA MET B 176 -18.72 -6.30 19.80
C MET B 176 -20.09 -6.56 20.41
N SER B 187 -30.41 -12.76 16.27
CA SER B 187 -30.77 -14.08 15.75
C SER B 187 -30.41 -14.25 14.28
N ALA B 188 -30.73 -13.23 13.46
CA ALA B 188 -30.43 -13.23 12.01
C ALA B 188 -28.96 -13.61 11.72
N PRO B 189 -28.72 -14.44 10.68
CA PRO B 189 -27.31 -14.71 10.34
C PRO B 189 -26.64 -13.52 9.62
N GLU B 190 -25.31 -13.46 9.69
CA GLU B 190 -24.55 -12.51 8.89
C GLU B 190 -24.71 -12.81 7.40
N GLY B 191 -24.45 -11.79 6.57
CA GLY B 191 -24.52 -11.96 5.13
C GLY B 191 -23.35 -12.78 4.59
N GLY B 192 -23.30 -12.88 3.28
CA GLY B 192 -22.18 -13.50 2.60
C GLY B 192 -22.61 -14.06 1.27
N THR B 193 -21.68 -14.77 0.64
CA THR B 193 -21.92 -15.48 -0.62
C THR B 193 -22.02 -16.95 -0.25
N ILE B 194 -23.07 -17.63 -0.73
CA ILE B 194 -23.38 -19.00 -0.30
C ILE B 194 -22.25 -20.03 -0.35
N ILE B 195 -21.53 -20.10 -1.45
CA ILE B 195 -20.44 -21.08 -1.62
C ILE B 195 -19.30 -20.92 -0.59
N TYR B 196 -19.09 -19.69 -0.10
CA TYR B 196 -17.99 -19.38 0.82
C TYR B 196 -18.47 -19.26 2.27
N MET B 197 -19.74 -19.58 2.50
CA MET B 197 -20.42 -19.39 3.78
C MET B 197 -20.46 -20.69 4.55
N PRO B 198 -20.08 -20.70 5.85
CA PRO B 198 -20.20 -21.94 6.62
C PRO B 198 -21.67 -22.28 6.87
N PRO B 199 -22.00 -23.58 7.02
CA PRO B 199 -23.42 -23.99 7.17
C PRO B 199 -24.15 -23.39 8.39
N GLU B 200 -23.46 -23.14 9.49
CA GLU B 200 -24.10 -22.51 10.66
C GLU B 200 -24.58 -21.06 10.40
N ASN B 201 -24.10 -20.43 9.32
CA ASN B 201 -24.50 -19.08 8.96
CA ASN B 201 -24.49 -19.05 8.96
C ASN B 201 -25.70 -19.04 8.03
N TYR B 202 -26.27 -20.20 7.73
CA TYR B 202 -27.40 -20.27 6.77
C TYR B 202 -28.72 -19.74 7.34
N GLU B 203 -28.90 -19.92 8.65
CA GLU B 203 -30.20 -19.73 9.34
C GLU B 203 -30.08 -18.79 10.50
N PRO B 204 -31.23 -18.22 10.96
CA PRO B 204 -31.29 -17.52 12.28
C PRO B 204 -30.90 -18.42 13.46
N GLY B 205 -30.48 -17.80 14.56
CA GLY B 205 -30.18 -18.51 15.81
C GLY B 205 -28.90 -19.31 15.76
N ARG B 209 -22.33 -17.28 18.69
CA ARG B 209 -20.96 -17.27 19.21
C ARG B 209 -19.91 -17.60 18.14
N ALA B 210 -20.24 -18.51 17.22
CA ALA B 210 -19.34 -18.99 16.17
C ALA B 210 -19.12 -18.01 14.98
N SER B 211 -19.75 -16.83 15.08
CA SER B 211 -19.56 -15.69 14.14
C SER B 211 -18.12 -15.47 13.66
N ILE B 212 -17.16 -15.56 14.58
CA ILE B 212 -15.73 -15.37 14.31
C ILE B 212 -15.10 -16.40 13.34
N LYS B 213 -15.74 -17.56 13.18
CA LYS B 213 -15.23 -18.63 12.32
C LYS B 213 -15.80 -18.66 10.88
N HIS B 214 -16.45 -17.58 10.46
CA HIS B 214 -16.96 -17.47 9.11
C HIS B 214 -15.79 -17.28 8.12
N ASP B 215 -14.92 -16.31 8.38
CA ASP B 215 -13.84 -15.95 7.45
C ASP B 215 -12.89 -17.11 7.15
N ILE B 216 -12.57 -17.91 8.16
CA ILE B 216 -11.65 -19.04 7.94
C ILE B 216 -12.25 -20.12 7.04
N TYR B 217 -13.57 -20.33 7.17
CA TYR B 217 -14.31 -21.24 6.29
C TYR B 217 -14.20 -20.74 4.84
N SER B 218 -14.46 -19.45 4.61
CA SER B 218 -14.31 -18.86 3.29
C SER B 218 -12.89 -19.04 2.76
N TYR B 219 -11.91 -18.85 3.64
CA TYR B 219 -10.49 -18.99 3.28
C TYR B 219 -10.15 -20.43 2.85
N ALA B 220 -10.73 -21.42 3.51
CA ALA B 220 -10.54 -22.83 3.14
C ALA B 220 -11.08 -23.11 1.72
N VAL B 221 -12.25 -22.55 1.40
CA VAL B 221 -12.85 -22.69 0.05
C VAL B 221 -11.96 -21.95 -0.97
N ILE B 222 -11.52 -20.74 -0.62
CA ILE B 222 -10.58 -19.98 -1.46
C ILE B 222 -9.29 -20.79 -1.73
N THR B 223 -8.76 -21.43 -0.69
CA THR B 223 -7.53 -22.23 -0.82
C THR B 223 -7.76 -23.39 -1.80
N TRP B 224 -8.87 -24.11 -1.62
CA TRP B 224 -9.25 -25.18 -2.54
C TRP B 224 -9.35 -24.64 -3.98
N GLU B 225 -9.99 -23.49 -4.14
CA GLU B 225 -10.19 -22.85 -5.46
C GLU B 225 -8.88 -22.41 -6.12
N VAL B 226 -7.97 -21.84 -5.33
CA VAL B 226 -6.64 -21.43 -5.81
C VAL B 226 -5.82 -22.65 -6.28
N LEU B 227 -5.84 -23.73 -5.50
CA LEU B 227 -5.00 -24.88 -5.79
C LEU B 227 -5.57 -25.76 -6.90
N SER B 228 -6.89 -25.66 -7.14
CA SER B 228 -7.58 -26.47 -8.16
C SER B 228 -7.80 -25.73 -9.48
N ARG B 229 -7.88 -24.41 -9.42
CA ARG B 229 -8.44 -23.57 -10.49
C ARG B 229 -9.83 -24.02 -10.94
N LYS B 230 -10.61 -24.54 -9.99
CA LYS B 230 -11.98 -24.99 -10.27
C LYS B 230 -13.01 -24.15 -9.52
N GLN B 231 -14.20 -24.08 -10.10
CA GLN B 231 -15.35 -23.47 -9.45
C GLN B 231 -15.86 -24.44 -8.39
N PRO B 232 -15.96 -23.98 -7.11
CA PRO B 232 -16.52 -24.89 -6.09
C PRO B 232 -17.96 -25.27 -6.41
N PHE B 233 -18.28 -26.56 -6.28
CA PHE B 233 -19.63 -27.10 -6.58
C PHE B 233 -20.10 -26.82 -8.02
N GLU B 234 -19.19 -26.94 -8.98
CA GLU B 234 -19.44 -26.56 -10.37
C GLU B 234 -20.61 -27.33 -10.98
N ASP B 235 -20.71 -28.61 -10.67
CA ASP B 235 -21.78 -29.47 -11.22
C ASP B 235 -23.16 -29.30 -10.57
N VAL B 236 -23.22 -28.59 -9.45
CA VAL B 236 -24.47 -28.42 -8.71
C VAL B 236 -25.14 -27.13 -9.20
N THR B 237 -26.30 -27.30 -9.83
CA THR B 237 -26.97 -26.22 -10.57
C THR B 237 -27.88 -25.33 -9.71
N ASN B 238 -28.37 -25.87 -8.59
CA ASN B 238 -29.28 -25.13 -7.71
C ASN B 238 -28.51 -24.81 -6.40
N PRO B 239 -28.41 -23.50 -6.04
CA PRO B 239 -27.67 -23.13 -4.81
C PRO B 239 -28.28 -23.73 -3.54
N LEU B 240 -29.60 -23.95 -3.54
CA LEU B 240 -30.25 -24.61 -2.42
C LEU B 240 -29.80 -26.05 -2.23
N GLN B 241 -29.47 -26.73 -3.32
CA GLN B 241 -28.90 -28.07 -3.22
C GLN B 241 -27.50 -28.04 -2.62
N ILE B 242 -26.72 -27.00 -2.98
CA ILE B 242 -25.40 -26.79 -2.38
C ILE B 242 -25.59 -26.63 -0.87
N MET B 243 -26.51 -25.76 -0.47
CA MET B 243 -26.73 -25.50 0.94
C MET B 243 -27.14 -26.77 1.69
N TYR B 244 -28.06 -27.55 1.11
CA TYR B 244 -28.46 -28.82 1.71
C TYR B 244 -27.25 -29.77 1.87
N SER B 245 -26.47 -29.92 0.81
CA SER B 245 -25.29 -30.82 0.85
C SER B 245 -24.24 -30.38 1.89
N VAL B 246 -23.97 -29.07 1.93
CA VAL B 246 -22.98 -28.50 2.86
C VAL B 246 -23.45 -28.70 4.31
N SER B 247 -24.74 -28.50 4.55
CA SER B 247 -25.29 -28.67 5.90
C SER B 247 -25.18 -30.13 6.37
N GLN B 248 -25.04 -31.05 5.43
CA GLN B 248 -24.84 -32.48 5.70
C GLN B 248 -23.35 -32.85 5.75
N GLY B 249 -22.47 -31.87 5.55
CA GLY B 249 -21.04 -32.09 5.65
C GLY B 249 -20.27 -32.25 4.35
N HIS B 250 -20.94 -32.15 3.21
CA HIS B 250 -20.28 -32.23 1.90
C HIS B 250 -19.54 -30.93 1.63
N ARG B 251 -18.44 -31.04 0.90
CA ARG B 251 -17.56 -29.90 0.62
C ARG B 251 -17.06 -30.03 -0.82
N PRO B 252 -16.44 -28.96 -1.39
CA PRO B 252 -15.83 -29.16 -2.70
C PRO B 252 -14.93 -30.41 -2.74
N VAL B 253 -14.96 -31.10 -3.87
CA VAL B 253 -14.37 -32.44 -3.97
C VAL B 253 -12.84 -32.43 -3.91
N ILE B 254 -12.30 -33.32 -3.08
CA ILE B 254 -10.85 -33.50 -3.01
C ILE B 254 -10.50 -34.89 -3.56
N ASN B 255 -9.93 -34.91 -4.75
CA ASN B 255 -9.37 -36.14 -5.34
C ASN B 255 -8.24 -35.74 -6.26
N GLU B 256 -7.66 -36.73 -6.95
CA GLU B 256 -6.57 -36.50 -7.92
C GLU B 256 -6.97 -35.53 -9.04
N GLU B 257 -8.24 -35.59 -9.44
CA GLU B 257 -8.74 -34.74 -10.52
C GLU B 257 -8.85 -33.25 -10.11
N SER B 258 -9.44 -32.98 -8.94
CA SER B 258 -9.58 -31.59 -8.48
C SER B 258 -8.25 -31.02 -7.99
N LEU B 259 -7.48 -31.84 -7.27
CA LEU B 259 -6.20 -31.43 -6.71
C LEU B 259 -5.09 -32.40 -7.13
N PRO B 260 -4.41 -32.10 -8.26
CA PRO B 260 -3.35 -32.97 -8.82
C PRO B 260 -2.25 -33.30 -7.82
N TYR B 261 -1.65 -34.48 -7.98
CA TYR B 261 -0.61 -34.99 -7.07
C TYR B 261 0.66 -34.15 -7.01
N ASP B 262 0.87 -33.31 -8.02
CA ASP B 262 2.08 -32.49 -8.11
C ASP B 262 1.95 -31.11 -7.43
N ILE B 263 0.83 -30.84 -6.76
CA ILE B 263 0.69 -29.63 -5.91
C ILE B 263 1.74 -29.68 -4.80
N PRO B 264 2.62 -28.65 -4.70
CA PRO B 264 3.57 -28.61 -3.60
C PRO B 264 2.87 -28.70 -2.24
N HIS B 265 3.44 -29.47 -1.32
CA HIS B 265 2.90 -29.64 0.04
C HIS B 265 1.43 -30.05 0.05
N ARG B 266 1.05 -30.89 -0.92
CA ARG B 266 -0.35 -31.30 -1.10
C ARG B 266 -1.01 -31.81 0.18
N ALA B 267 -0.33 -32.73 0.88
CA ALA B 267 -0.90 -33.36 2.09
C ALA B 267 -1.19 -32.33 3.21
N ARG B 268 -0.23 -31.43 3.45
CA ARG B 268 -0.40 -30.38 4.44
C ARG B 268 -1.51 -29.41 4.08
N MET B 269 -1.56 -29.03 2.79
CA MET B 269 -2.58 -28.09 2.33
C MET B 269 -3.99 -28.67 2.41
N ILE B 270 -4.14 -29.95 2.04
CA ILE B 270 -5.45 -30.64 2.16
C ILE B 270 -5.86 -30.74 3.62
N SER B 271 -4.91 -31.09 4.49
CA SER B 271 -5.16 -31.17 5.94
C SER B 271 -5.67 -29.80 6.47
N LEU B 272 -4.99 -28.73 6.09
CA LEU B 272 -5.40 -27.38 6.49
C LEU B 272 -6.80 -27.03 5.96
N ILE B 273 -7.03 -27.25 4.65
CA ILE B 273 -8.36 -27.01 4.05
C ILE B 273 -9.47 -27.69 4.85
N GLU B 274 -9.28 -28.97 5.14
CA GLU B 274 -10.31 -29.75 5.82
C GLU B 274 -10.57 -29.28 7.25
N SER B 275 -9.54 -28.77 7.92
CA SER B 275 -9.76 -28.13 9.23
C SER B 275 -10.45 -26.78 9.06
N GLY B 276 -10.03 -26.00 8.05
CA GLY B 276 -10.61 -24.69 7.81
C GLY B 276 -12.09 -24.70 7.50
N TRP B 277 -12.57 -25.73 6.79
CA TRP B 277 -13.98 -25.83 6.49
C TRP B 277 -14.72 -26.88 7.31
N ALA B 278 -14.12 -27.30 8.44
CA ALA B 278 -14.74 -28.33 9.31
C ALA B 278 -16.16 -27.97 9.69
N GLN B 279 -17.05 -28.98 9.72
CA GLN B 279 -18.44 -28.78 10.17
C GLN B 279 -18.50 -28.09 11.53
N ASN B 280 -17.68 -28.56 12.48
CA ASN B 280 -17.61 -27.97 13.81
C ASN B 280 -16.69 -26.72 13.75
N PRO B 281 -17.26 -25.53 14.01
CA PRO B 281 -16.41 -24.31 14.00
C PRO B 281 -15.22 -24.36 14.96
N ASP B 282 -15.36 -25.07 16.10
CA ASP B 282 -14.24 -25.25 17.05
C ASP B 282 -13.02 -25.93 16.48
N GLU B 283 -13.21 -26.71 15.41
CA GLU B 283 -12.10 -27.37 14.73
C GLU B 283 -11.39 -26.49 13.69
N ARG B 284 -11.98 -25.33 13.38
CA ARG B 284 -11.37 -24.37 12.45
C ARG B 284 -10.38 -23.49 13.22
N PRO B 285 -9.21 -23.18 12.63
CA PRO B 285 -8.24 -22.34 13.34
C PRO B 285 -8.59 -20.84 13.30
N SER B 286 -8.07 -20.07 14.26
CA SER B 286 -7.93 -18.60 14.08
C SER B 286 -6.99 -18.36 12.90
N PHE B 287 -7.03 -17.15 12.30
CA PHE B 287 -6.05 -16.85 11.26
C PHE B 287 -4.60 -16.84 11.77
N LEU B 288 -4.41 -16.48 13.05
CA LEU B 288 -3.08 -16.53 13.64
C LEU B 288 -2.56 -17.96 13.68
N LYS B 289 -3.41 -18.86 14.17
CA LYS B 289 -3.12 -20.28 14.19
C LYS B 289 -2.83 -20.81 12.78
N CYS B 290 -3.67 -20.43 11.83
CA CYS B 290 -3.47 -20.81 10.42
C CYS B 290 -2.10 -20.35 9.88
N LEU B 291 -1.72 -19.10 10.21
CA LEU B 291 -0.41 -18.57 9.79
C LEU B 291 0.76 -19.32 10.45
N ILE B 292 0.65 -19.59 11.74
CA ILE B 292 1.68 -20.34 12.48
C ILE B 292 1.87 -21.74 11.86
N GLU B 293 0.76 -22.39 11.57
CA GLU B 293 0.77 -23.74 10.95
C GLU B 293 1.33 -23.72 9.52
N LEU B 294 1.03 -22.69 8.75
CA LEU B 294 1.41 -22.65 7.33
C LEU B 294 2.73 -21.93 7.01
N GLU B 295 3.22 -21.09 7.93
CA GLU B 295 4.48 -20.36 7.69
C GLU B 295 5.64 -21.23 7.16
N PRO B 296 5.87 -22.44 7.76
CA PRO B 296 6.93 -23.31 7.19
C PRO B 296 6.71 -23.66 5.71
N VAL B 297 5.46 -23.93 5.32
CA VAL B 297 5.11 -24.18 3.92
C VAL B 297 5.39 -22.93 3.05
N PHE B 298 4.85 -21.77 3.42
CA PHE B 298 5.05 -20.54 2.64
C PHE B 298 6.54 -20.20 2.45
N ARG B 299 7.33 -20.44 3.49
CA ARG B 299 8.78 -20.17 3.56
C ARG B 299 9.60 -20.97 2.52
N THR B 300 9.13 -22.16 2.15
CA THR B 300 9.87 -22.99 1.16
C THR B 300 9.99 -22.34 -0.23
N PHE B 301 9.11 -21.41 -0.56
CA PHE B 301 9.12 -20.80 -1.88
C PHE B 301 10.14 -19.66 -2.00
N GLU B 302 10.80 -19.60 -3.15
CA GLU B 302 11.77 -18.52 -3.44
C GLU B 302 11.03 -17.29 -3.95
N GLU B 303 11.67 -16.12 -3.81
CA GLU B 303 11.11 -14.84 -4.28
C GLU B 303 11.12 -14.77 -5.80
#